data_6NAE
#
_entry.id   6NAE
#
_cell.length_a   113.250
_cell.length_b   113.250
_cell.length_c   307.210
_cell.angle_alpha   90.000
_cell.angle_beta   90.000
_cell.angle_gamma   120.000
#
_symmetry.space_group_name_H-M   'H 3 2'
#
loop_
_entity.id
_entity.type
_entity.pdbx_description
1 polymer 'Envelope glycoprotein,Envelope glycoprotein,Envelope glycoprotein'
2 polymer 'Envelope glycoprotein'
3 branched alpha-D-mannopyranose-(1-3)-[alpha-D-mannopyranose-(1-6)]beta-D-mannopyranose-(1-4)-2-acetamido-2-deoxy-beta-D-glucopyranose-(1-4)-2-acetamido-2-deoxy-beta-D-glucopyranose
4 non-polymer 2-acetamido-2-deoxy-beta-D-glucopyranose
5 non-polymer GLYCEROL
6 non-polymer (1S,3R,5R,7S)-N-(trans-4-aminocyclohexyl)-3-methyl-5-phenyltricyclo[3.3.1.1~3,7~]decane-1-carboxamide
7 water water
#
loop_
_entity_poly.entity_id
_entity_poly.type
_entity_poly.pdbx_seq_one_letter_code
_entity_poly.pdbx_strand_id
1 'polypeptide(L)'
;ETGRSIPLGVIHNSALQVSDVDKLVCRDKLSSTNQLRSVGLNLEGNGVATDVPSATKRWGFRSGVPPKVVNYEAGEWAEN
CYNLEIKKPDGSECLPAAPDGIRGFPRCRYVHKVSGTGPCAGDFAFHKEGAFFLYDRLASTVIYRGTTFAEGVVAFLILP
QAKKDFFSSHPLREPVNATEDPSSGYYSTTIRYQATGFGTNETEYLFEVDNLTYVQLESRFTPQFLLQLNETIYTSGKRS
NTTGKLIWKVNPEIDTTIGEWAFWETKKNLTRKIRSEELSFTVVSTHHQDTGEESASSGKLGLITNTIAGVAGLITGGRR
TRR(UNK)(UNK)(UNK)(UNK)(UNK)(UNK)(UNK)
;
A
2 'polypeptide(L)'
;EAIVNAQPKCNPNLHYWTTQDEGAAIGLAWIPYFGPAAEGIYIEGLMHNQDGLICGLRQLANETTQALQLFLRATTELRT
FSILNRKAIDFLLQRWGGTCHILGPDCCIEPADWTKNITDKIDQIIHDFVDGSGYIPEAPRDGQAYVRKDGEWVLLSTFL
GTHHHHHH
;
B
#
# COMPACT_ATOMS: atom_id res chain seq x y z
N SER A 5 -9.83 -19.51 -7.24
CA SER A 5 -9.14 -18.52 -8.06
C SER A 5 -9.00 -17.22 -7.29
N ILE A 6 -7.89 -16.52 -7.52
CA ILE A 6 -7.70 -15.16 -7.01
C ILE A 6 -8.92 -14.34 -7.42
N PRO A 7 -9.60 -13.68 -6.49
CA PRO A 7 -10.83 -12.97 -6.85
C PRO A 7 -10.59 -11.89 -7.89
N LEU A 8 -11.60 -11.66 -8.73
CA LEU A 8 -11.55 -10.66 -9.78
C LEU A 8 -12.83 -9.83 -9.70
N GLY A 9 -12.68 -8.52 -9.59
CA GLY A 9 -13.82 -7.64 -9.37
C GLY A 9 -14.46 -7.18 -10.67
N VAL A 10 -15.79 -7.08 -10.65
CA VAL A 10 -16.54 -6.67 -11.82
C VAL A 10 -17.78 -5.93 -11.35
N ILE A 11 -18.26 -5.00 -12.17
CA ILE A 11 -19.36 -4.11 -11.82
C ILE A 11 -20.63 -4.66 -12.47
N HIS A 12 -21.47 -5.28 -11.65
CA HIS A 12 -22.79 -5.76 -12.07
C HIS A 12 -23.87 -5.01 -11.31
N ASN A 13 -24.85 -4.48 -12.04
CA ASN A 13 -26.02 -3.82 -11.46
C ASN A 13 -25.62 -2.61 -10.60
N SER A 14 -24.75 -1.77 -11.17
CA SER A 14 -24.26 -0.57 -10.49
C SER A 14 -23.61 -0.89 -9.13
N ALA A 15 -22.99 -2.06 -9.03
CA ALA A 15 -22.34 -2.46 -7.80
C ALA A 15 -21.17 -3.38 -8.14
N LEU A 16 -20.04 -3.15 -7.47
CA LEU A 16 -18.91 -4.05 -7.59
C LEU A 16 -19.23 -5.39 -6.96
N GLN A 17 -18.63 -6.45 -7.49
CA GLN A 17 -18.79 -7.79 -6.91
C GLN A 17 -17.73 -8.71 -7.49
N VAL A 18 -17.42 -9.76 -6.73
CA VAL A 18 -16.49 -10.78 -7.17
C VAL A 18 -17.19 -11.68 -8.20
N SER A 19 -16.55 -11.86 -9.36
CA SER A 19 -17.14 -12.67 -10.41
C SER A 19 -17.12 -14.14 -9.99
N ASP A 20 -18.31 -14.74 -9.89
CA ASP A 20 -18.40 -16.17 -9.66
C ASP A 20 -17.84 -16.92 -10.86
N VAL A 21 -17.06 -17.97 -10.59
CA VAL A 21 -16.37 -18.68 -11.66
C VAL A 21 -17.32 -19.61 -12.40
N ASP A 22 -17.87 -20.59 -11.68
CA ASP A 22 -18.68 -21.64 -12.32
C ASP A 22 -19.88 -21.09 -13.05
N LYS A 23 -20.26 -19.83 -12.79
CA LYS A 23 -21.29 -19.14 -13.55
C LYS A 23 -20.61 -18.31 -14.64
N LEU A 24 -20.89 -18.62 -15.89
CA LEU A 24 -20.37 -17.87 -17.03
C LEU A 24 -21.36 -16.78 -17.41
N VAL A 25 -20.85 -15.56 -17.59
CA VAL A 25 -21.67 -14.40 -17.93
C VAL A 25 -21.23 -13.94 -19.31
N CYS A 26 -21.96 -14.39 -20.34
CA CYS A 26 -21.61 -14.01 -21.72
C CYS A 26 -21.77 -12.52 -21.96
N ARG A 27 -22.56 -11.83 -21.16
CA ARG A 27 -22.75 -10.38 -21.35
C ARG A 27 -21.52 -9.59 -20.94
N ASP A 28 -20.68 -10.12 -20.06
CA ASP A 28 -19.43 -9.45 -19.72
C ASP A 28 -18.50 -9.46 -20.92
N LYS A 29 -17.86 -8.32 -21.18
CA LYS A 29 -16.99 -8.15 -22.33
C LYS A 29 -15.58 -7.79 -21.85
N LEU A 30 -14.59 -8.52 -22.37
CA LEU A 30 -13.17 -8.22 -22.14
C LEU A 30 -12.55 -7.99 -23.52
N SER A 31 -12.40 -6.72 -23.91
CA SER A 31 -11.96 -6.40 -25.26
C SER A 31 -10.44 -6.38 -25.41
N SER A 32 -9.72 -6.13 -24.33
CA SER A 32 -8.25 -6.13 -24.38
C SER A 32 -7.72 -6.30 -22.96
N THR A 33 -6.43 -6.64 -22.89
CA THR A 33 -5.76 -6.73 -21.59
C THR A 33 -5.78 -5.39 -20.86
N ASN A 34 -5.95 -4.28 -21.58
CA ASN A 34 -6.04 -2.97 -20.93
C ASN A 34 -7.22 -2.89 -19.98
N GLN A 35 -8.28 -3.66 -20.21
CA GLN A 35 -9.44 -3.63 -19.32
C GLN A 35 -9.14 -4.24 -17.95
N LEU A 36 -8.08 -5.04 -17.84
CA LEU A 36 -7.70 -5.64 -16.56
C LEU A 36 -6.74 -4.71 -15.83
N ARG A 37 -7.00 -4.48 -14.55
CA ARG A 37 -6.20 -3.58 -13.74
CA ARG A 37 -6.21 -3.58 -13.73
C ARG A 37 -5.91 -4.21 -12.38
N SER A 38 -4.67 -4.08 -11.94
CA SER A 38 -4.25 -4.43 -10.59
C SER A 38 -4.13 -3.14 -9.78
N VAL A 39 -4.54 -3.19 -8.52
CA VAL A 39 -4.83 -1.98 -7.77
C VAL A 39 -4.46 -2.21 -6.30
N GLY A 40 -3.85 -1.20 -5.68
CA GLY A 40 -3.42 -1.27 -4.30
C GLY A 40 -4.13 -0.22 -3.45
N LEU A 41 -4.70 -0.67 -2.33
CA LEU A 41 -5.41 0.17 -1.40
C LEU A 41 -4.70 0.16 -0.05
N ASN A 42 -4.69 1.33 0.60
CA ASN A 42 -3.96 1.50 1.84
C ASN A 42 -4.81 1.11 3.04
N LEU A 43 -4.19 0.39 3.99
CA LEU A 43 -4.87 0.06 5.24
C LEU A 43 -5.38 1.32 5.94
N GLU A 44 -4.70 2.45 5.73
CA GLU A 44 -5.19 3.76 6.14
C GLU A 44 -6.69 3.93 5.89
N GLY A 45 -7.13 3.66 4.67
CA GLY A 45 -8.50 3.88 4.27
C GLY A 45 -9.52 3.00 4.95
N ASN A 46 -9.07 1.97 5.68
CA ASN A 46 -9.96 1.11 6.45
C ASN A 46 -10.04 1.53 7.92
N GLY A 47 -9.30 2.56 8.32
CA GLY A 47 -9.37 3.10 9.66
C GLY A 47 -8.36 2.56 10.65
N VAL A 48 -7.31 1.89 10.20
CA VAL A 48 -6.32 1.36 11.14
C VAL A 48 -5.55 2.50 11.79
N ALA A 49 -5.01 2.22 12.97
CA ALA A 49 -4.15 3.18 13.65
C ALA A 49 -2.86 3.37 12.86
N THR A 50 -2.53 4.63 12.56
CA THR A 50 -1.40 4.95 11.72
C THR A 50 -0.19 5.49 12.48
N ASP A 51 -0.33 5.78 13.77
CA ASP A 51 0.81 6.23 14.55
C ASP A 51 1.88 5.15 14.60
N VAL A 52 3.15 5.60 14.69
CA VAL A 52 4.28 4.68 14.66
C VAL A 52 4.14 3.54 15.67
N PRO A 53 3.85 3.79 16.96
CA PRO A 53 3.81 2.67 17.92
C PRO A 53 2.76 1.62 17.58
N SER A 54 1.59 2.05 17.09
CA SER A 54 0.56 1.09 16.73
C SER A 54 0.91 0.37 15.43
N ALA A 55 1.47 1.09 14.47
CA ALA A 55 1.76 0.50 13.16
C ALA A 55 2.85 -0.56 13.25
N THR A 56 3.94 -0.25 13.97
CA THR A 56 5.06 -1.18 14.06
C THR A 56 4.67 -2.49 14.72
N LYS A 57 3.68 -2.47 15.62
CA LYS A 57 3.25 -3.69 16.28
C LYS A 57 2.61 -4.69 15.31
N ARG A 58 2.22 -4.24 14.13
CA ARG A 58 1.65 -5.12 13.11
C ARG A 58 2.71 -5.83 12.28
N TRP A 59 4.00 -5.56 12.53
CA TRP A 59 5.09 -6.15 11.78
C TRP A 59 5.93 -7.02 12.70
N GLY A 60 6.49 -8.09 12.16
CA GLY A 60 7.25 -9.03 12.97
C GLY A 60 8.23 -9.81 12.14
N PHE A 61 9.29 -10.29 12.79
CA PHE A 61 10.36 -11.01 12.12
C PHE A 61 10.10 -12.51 12.15
N ARG A 62 10.56 -13.19 11.11
CA ARG A 62 10.30 -14.61 10.89
C ARG A 62 11.32 -15.14 9.90
N SER A 63 11.74 -16.38 10.10
CA SER A 63 12.65 -17.05 9.18
C SER A 63 11.96 -18.25 8.53
N GLY A 64 12.57 -18.75 7.46
CA GLY A 64 12.07 -19.90 6.75
C GLY A 64 11.04 -19.63 5.68
N VAL A 65 10.57 -18.40 5.56
CA VAL A 65 9.56 -18.02 4.58
C VAL A 65 10.22 -17.13 3.53
N PRO A 66 10.42 -17.60 2.31
CA PRO A 66 11.07 -16.78 1.28
C PRO A 66 10.20 -15.60 0.88
N PRO A 67 10.78 -14.41 0.74
CA PRO A 67 9.96 -13.25 0.36
C PRO A 67 9.36 -13.39 -1.03
N LYS A 68 8.24 -12.71 -1.24
CA LYS A 68 7.52 -12.75 -2.51
C LYS A 68 7.08 -11.35 -2.88
N VAL A 69 7.09 -11.07 -4.18
CA VAL A 69 6.79 -9.75 -4.72
C VAL A 69 5.76 -9.89 -5.85
N VAL A 70 4.77 -9.00 -5.85
CA VAL A 70 3.76 -8.93 -6.90
C VAL A 70 3.56 -7.46 -7.26
N ASN A 71 3.33 -7.20 -8.54
CA ASN A 71 3.21 -5.83 -9.00
C ASN A 71 1.75 -5.38 -9.01
N TYR A 72 1.57 -4.06 -8.92
CA TYR A 72 0.27 -3.44 -9.08
C TYR A 72 0.44 -2.15 -9.87
N GLU A 73 -0.59 -1.79 -10.64
CA GLU A 73 -0.47 -0.72 -11.63
C GLU A 73 -0.90 0.65 -11.15
N ALA A 74 -1.75 0.72 -10.12
CA ALA A 74 -2.25 1.99 -9.63
C ALA A 74 -2.38 1.93 -8.12
N GLY A 75 -2.13 3.07 -7.48
CA GLY A 75 -2.17 3.13 -6.03
C GLY A 75 -2.85 4.40 -5.54
N GLU A 76 -2.85 4.55 -4.21
CA GLU A 76 -3.59 5.61 -3.53
C GLU A 76 -2.62 6.50 -2.77
N TRP A 77 -2.83 7.82 -2.89
CA TRP A 77 -2.05 8.77 -2.09
C TRP A 77 -2.21 8.44 -0.61
N ALA A 78 -1.09 8.29 0.07
CA ALA A 78 -1.08 7.89 1.47
C ALA A 78 -0.86 9.09 2.37
N GLU A 79 -1.56 9.12 3.50
CA GLU A 79 -1.26 10.10 4.53
C GLU A 79 0.02 9.72 5.27
N ASN A 80 0.18 8.43 5.57
CA ASN A 80 1.29 7.94 6.39
C ASN A 80 2.05 6.86 5.63
N CYS A 81 3.38 6.99 5.59
CA CYS A 81 4.27 5.96 5.11
C CYS A 81 5.35 5.75 6.16
N TYR A 82 6.15 4.70 5.98
CA TYR A 82 7.17 4.36 6.96
C TYR A 82 8.46 3.98 6.26
N ASN A 83 9.58 4.27 6.94
CA ASN A 83 10.92 4.05 6.40
C ASN A 83 11.79 3.61 7.57
N LEU A 84 12.28 2.37 7.53
CA LEU A 84 12.91 1.76 8.70
C LEU A 84 14.40 1.55 8.48
N GLU A 85 15.19 1.90 9.51
CA GLU A 85 16.63 1.63 9.59
C GLU A 85 16.88 1.00 10.95
N ILE A 86 16.70 -0.33 11.03
CA ILE A 86 16.79 -1.06 12.28
C ILE A 86 18.03 -1.93 12.25
N LYS A 87 18.82 -1.86 13.32
CA LYS A 87 19.99 -2.71 13.51
C LYS A 87 19.84 -3.51 14.79
N LYS A 88 20.60 -4.60 14.90
CA LYS A 88 20.73 -5.27 16.17
C LYS A 88 21.60 -4.43 17.10
N PRO A 89 21.58 -4.71 18.41
CA PRO A 89 22.47 -3.97 19.32
C PRO A 89 23.93 -4.02 18.92
N ASP A 90 24.39 -5.09 18.26
CA ASP A 90 25.77 -5.18 17.81
C ASP A 90 26.01 -4.46 16.49
N GLY A 91 25.00 -3.81 15.91
CA GLY A 91 25.19 -2.98 14.74
C GLY A 91 24.98 -3.65 13.40
N SER A 92 24.64 -4.92 13.37
CA SER A 92 24.35 -5.59 12.11
C SER A 92 22.93 -5.24 11.64
N GLU A 93 22.76 -5.16 10.32
CA GLU A 93 21.50 -4.71 9.76
C GLU A 93 20.41 -5.77 9.93
N CYS A 94 19.21 -5.30 10.28
CA CYS A 94 18.07 -6.18 10.48
C CYS A 94 17.26 -6.40 9.21
N LEU A 95 17.25 -5.43 8.30
CA LEU A 95 16.45 -5.51 7.10
C LEU A 95 17.35 -5.58 5.87
N PRO A 96 16.92 -6.29 4.82
CA PRO A 96 17.74 -6.38 3.61
C PRO A 96 17.67 -5.10 2.80
N ALA A 97 18.73 -4.84 2.06
CA ALA A 97 18.71 -3.73 1.12
C ALA A 97 17.64 -3.95 0.06
N ALA A 98 17.09 -2.85 -0.45
CA ALA A 98 16.05 -2.94 -1.45
C ALA A 98 16.59 -3.62 -2.71
N PRO A 99 15.93 -4.67 -3.21
CA PRO A 99 16.34 -5.25 -4.49
C PRO A 99 16.27 -4.23 -5.61
N ASP A 100 17.03 -4.50 -6.68
CA ASP A 100 17.08 -3.58 -7.80
C ASP A 100 15.71 -3.44 -8.44
N GLY A 101 15.25 -2.20 -8.54
CA GLY A 101 13.96 -1.90 -9.14
C GLY A 101 12.85 -1.60 -8.16
N ILE A 102 13.09 -1.74 -6.86
CA ILE A 102 12.08 -1.47 -5.85
C ILE A 102 12.41 -0.12 -5.23
N ARG A 103 11.59 0.89 -5.55
CA ARG A 103 11.71 2.23 -5.01
C ARG A 103 10.62 2.46 -3.97
N GLY A 104 10.73 3.59 -3.28
CA GLY A 104 9.76 3.92 -2.25
C GLY A 104 8.37 4.18 -2.81
N PHE A 105 7.38 4.07 -1.94
CA PHE A 105 6.00 4.38 -2.31
C PHE A 105 5.92 5.81 -2.82
N PRO A 106 5.22 6.06 -3.93
CA PRO A 106 5.42 7.32 -4.65
C PRO A 106 4.70 8.53 -4.06
N ARG A 107 3.68 8.35 -3.23
CA ARG A 107 2.89 9.48 -2.73
C ARG A 107 2.67 9.31 -1.23
N CYS A 108 3.38 10.10 -0.44
CA CYS A 108 3.27 10.09 1.01
C CYS A 108 3.21 11.53 1.52
N ARG A 109 2.23 11.83 2.37
CA ARG A 109 2.20 13.13 3.02
C ARG A 109 3.19 13.18 4.18
N TYR A 110 3.30 12.09 4.93
CA TYR A 110 4.23 12.00 6.05
C TYR A 110 4.98 10.68 5.95
N VAL A 111 6.31 10.75 5.83
CA VAL A 111 7.16 9.58 5.92
C VAL A 111 7.70 9.51 7.34
N HIS A 112 7.34 8.44 8.05
CA HIS A 112 7.82 8.22 9.42
C HIS A 112 9.11 7.40 9.33
N LYS A 113 10.25 8.08 9.34
CA LYS A 113 11.54 7.38 9.29
C LYS A 113 11.92 6.99 10.71
N VAL A 114 11.93 5.69 10.98
CA VAL A 114 12.28 5.14 12.29
C VAL A 114 13.67 4.53 12.20
N SER A 115 14.58 5.00 13.07
CA SER A 115 15.91 4.44 13.22
C SER A 115 16.08 3.92 14.64
N GLY A 116 16.82 2.84 14.79
CA GLY A 116 17.01 2.34 16.15
C GLY A 116 17.48 0.89 16.15
N THR A 117 17.14 0.21 17.25
CA THR A 117 17.64 -1.13 17.49
C THR A 117 16.52 -2.04 18.00
N GLY A 118 16.70 -3.34 17.75
CA GLY A 118 15.81 -4.36 18.23
C GLY A 118 16.48 -5.72 18.10
N PRO A 119 15.91 -6.75 18.72
CA PRO A 119 16.53 -8.08 18.62
C PRO A 119 16.48 -8.65 17.22
N CYS A 120 15.40 -8.42 16.47
CA CYS A 120 15.25 -8.87 15.10
C CYS A 120 15.44 -10.38 14.99
N ALA A 121 14.54 -11.11 15.66
CA ALA A 121 14.65 -12.57 15.75
C ALA A 121 13.96 -13.20 14.53
N GLY A 122 14.55 -12.96 13.36
CA GLY A 122 14.02 -13.47 12.11
C GLY A 122 14.71 -12.91 10.89
N ASP A 123 14.77 -13.70 9.81
CA ASP A 123 15.49 -13.28 8.61
C ASP A 123 14.81 -12.13 7.90
N PHE A 124 13.47 -12.04 7.98
CA PHE A 124 12.72 -11.00 7.31
C PHE A 124 11.61 -10.52 8.22
N ALA A 125 11.11 -9.32 7.92
CA ALA A 125 9.99 -8.73 8.65
C ALA A 125 8.72 -8.82 7.81
N PHE A 126 7.72 -9.52 8.32
CA PHE A 126 6.46 -9.70 7.63
C PHE A 126 5.36 -8.89 8.31
N HIS A 127 4.22 -8.80 7.63
CA HIS A 127 3.04 -8.15 8.18
C HIS A 127 2.22 -9.20 8.94
N LYS A 128 1.99 -8.97 10.23
CA LYS A 128 1.35 -9.96 11.08
C LYS A 128 -0.10 -10.22 10.68
N GLU A 129 -0.74 -9.27 10.01
CA GLU A 129 -2.11 -9.45 9.53
C GLU A 129 -2.17 -9.92 8.08
N GLY A 130 -1.03 -10.23 7.48
CA GLY A 130 -1.00 -10.72 6.12
C GLY A 130 -1.15 -9.66 5.06
N ALA A 131 -1.13 -8.38 5.42
CA ALA A 131 -1.18 -7.32 4.43
C ALA A 131 0.14 -7.25 3.67
N PHE A 132 0.21 -6.32 2.72
CA PHE A 132 1.42 -6.12 1.93
C PHE A 132 2.06 -4.79 2.29
N PHE A 133 3.38 -4.74 2.11
CA PHE A 133 4.11 -3.49 2.16
C PHE A 133 4.15 -2.94 0.73
N LEU A 134 3.49 -1.81 0.51
CA LEU A 134 3.34 -1.25 -0.82
C LEU A 134 4.52 -0.36 -1.14
N TYR A 135 5.23 -0.68 -2.22
CA TYR A 135 6.30 0.12 -2.75
C TYR A 135 5.83 0.74 -4.07
N ASP A 136 6.77 1.23 -4.86
CA ASP A 136 6.44 1.85 -6.15
C ASP A 136 5.99 0.80 -7.15
N ARG A 137 4.67 0.58 -7.24
CA ARG A 137 4.07 -0.37 -8.17
C ARG A 137 4.56 -1.80 -7.95
N LEU A 138 5.13 -2.08 -6.77
CA LEU A 138 5.52 -3.43 -6.39
C LEU A 138 5.11 -3.64 -4.94
N ALA A 139 4.41 -4.75 -4.70
CA ALA A 139 3.96 -5.12 -3.37
C ALA A 139 4.79 -6.30 -2.89
N SER A 140 5.40 -6.16 -1.71
CA SER A 140 6.23 -7.20 -1.15
C SER A 140 5.64 -7.69 0.17
N THR A 141 5.90 -8.97 0.47
CA THR A 141 5.50 -9.53 1.75
C THR A 141 6.45 -9.16 2.90
N VAL A 142 7.56 -8.49 2.60
CA VAL A 142 8.58 -8.16 3.61
C VAL A 142 8.94 -6.69 3.51
N ILE A 143 9.71 -6.23 4.51
CA ILE A 143 10.14 -4.85 4.63
C ILE A 143 11.60 -4.75 4.18
N TYR A 144 11.89 -3.77 3.34
CA TYR A 144 13.25 -3.50 2.89
C TYR A 144 13.83 -2.30 3.63
N ARG A 145 15.14 -2.35 3.83
CA ARG A 145 15.83 -1.33 4.61
C ARG A 145 15.76 0.03 3.93
N GLY A 146 15.49 1.07 4.73
CA GLY A 146 15.54 2.43 4.25
C GLY A 146 14.67 2.74 3.05
N THR A 147 13.61 1.97 2.84
CA THR A 147 12.73 2.14 1.68
C THR A 147 11.32 2.47 2.17
N THR A 148 10.76 3.55 1.63
CA THR A 148 9.47 4.06 2.09
C THR A 148 8.34 3.19 1.56
N PHE A 149 7.41 2.81 2.45
CA PHE A 149 6.31 1.95 2.08
C PHE A 149 5.04 2.38 2.82
N ALA A 150 3.91 2.02 2.25
CA ALA A 150 2.61 2.09 2.90
C ALA A 150 2.08 0.67 3.09
N GLU A 151 1.31 0.47 4.15
CA GLU A 151 0.65 -0.81 4.35
C GLU A 151 -0.56 -0.88 3.43
N GLY A 152 -0.74 -2.02 2.78
CA GLY A 152 -1.82 -2.08 1.81
C GLY A 152 -2.12 -3.50 1.37
N VAL A 153 -3.14 -3.58 0.51
CA VAL A 153 -3.61 -4.83 -0.08
C VAL A 153 -3.93 -4.58 -1.54
N VAL A 154 -3.95 -5.66 -2.32
CA VAL A 154 -4.05 -5.58 -3.77
C VAL A 154 -5.39 -6.15 -4.23
N ALA A 155 -5.99 -5.50 -5.24
CA ALA A 155 -7.22 -5.96 -5.87
C ALA A 155 -7.04 -6.02 -7.37
N PHE A 156 -7.77 -6.96 -7.99
CA PHE A 156 -7.79 -7.13 -9.44
C PHE A 156 -9.23 -6.98 -9.93
N LEU A 157 -9.42 -6.26 -11.03
CA LEU A 157 -10.78 -6.02 -11.50
C LEU A 157 -10.79 -5.79 -13.01
N ILE A 158 -12.00 -5.83 -13.57
CA ILE A 158 -12.25 -5.57 -14.99
C ILE A 158 -12.97 -4.23 -15.08
N LEU A 159 -12.38 -3.29 -15.84
CA LEU A 159 -13.09 -2.07 -16.14
C LEU A 159 -14.17 -2.32 -17.19
N PRO A 160 -15.30 -1.61 -17.12
CA PRO A 160 -16.39 -1.78 -18.09
C PRO A 160 -16.00 -1.35 -19.51
N SER A 184 -3.83 21.42 -5.78
CA SER A 184 -2.72 21.18 -4.85
C SER A 184 -1.74 20.15 -5.41
N GLY A 185 -0.46 20.40 -5.20
CA GLY A 185 0.58 19.50 -5.67
C GLY A 185 0.86 18.37 -4.71
N TYR A 186 2.12 17.93 -4.67
CA TYR A 186 2.55 16.83 -3.82
C TYR A 186 3.62 17.35 -2.86
N TYR A 187 3.29 17.40 -1.57
CA TYR A 187 4.20 17.81 -0.53
C TYR A 187 4.41 16.64 0.43
N SER A 188 5.67 16.35 0.74
CA SER A 188 6.05 15.24 1.60
C SER A 188 7.07 15.71 2.62
N THR A 189 6.80 15.47 3.90
CA THR A 189 7.71 15.84 4.97
C THR A 189 8.07 14.62 5.80
N THR A 190 9.32 14.54 6.22
CA THR A 190 9.86 13.39 6.94
C THR A 190 9.83 13.66 8.44
N ILE A 191 9.27 12.71 9.19
CA ILE A 191 9.24 12.76 10.66
C ILE A 191 10.15 11.65 11.16
N ARG A 192 11.22 12.03 11.86
CA ARG A 192 12.23 11.07 12.28
CA ARG A 192 12.26 11.09 12.29
C ARG A 192 12.01 10.63 13.73
N TYR A 193 12.34 9.36 13.98
CA TYR A 193 12.13 8.74 15.28
C TYR A 193 13.36 7.95 15.67
N GLN A 194 13.45 7.66 16.97
CA GLN A 194 14.45 6.75 17.49
CA GLN A 194 14.46 6.77 17.54
C GLN A 194 13.74 5.66 18.29
N ALA A 195 14.22 4.42 18.11
CA ALA A 195 13.55 3.27 18.71
C ALA A 195 14.56 2.36 19.40
N THR A 196 14.19 1.87 20.57
CA THR A 196 14.89 0.78 21.22
C THR A 196 13.90 -0.35 21.49
N GLY A 197 14.41 -1.58 21.46
CA GLY A 197 13.52 -2.72 21.57
C GLY A 197 12.50 -2.80 20.46
N PHE A 198 12.92 -2.50 19.22
CA PHE A 198 12.02 -2.56 18.09
C PHE A 198 11.51 -3.96 17.87
N GLY A 199 10.22 -4.07 17.53
CA GLY A 199 9.62 -5.37 17.30
C GLY A 199 9.41 -6.18 18.56
N THR A 200 9.18 -5.52 19.69
CA THR A 200 8.92 -6.20 20.96
C THR A 200 7.72 -5.56 21.65
N ASN A 201 7.37 -6.14 22.79
CA ASN A 201 6.29 -5.66 23.64
C ASN A 201 6.68 -4.41 24.44
N GLU A 202 7.97 -4.16 24.60
CA GLU A 202 8.46 -3.04 25.38
C GLU A 202 9.34 -2.16 24.48
N THR A 203 8.73 -1.52 23.49
CA THR A 203 9.43 -0.65 22.56
C THR A 203 9.30 0.80 23.01
N GLU A 204 10.43 1.49 23.06
CA GLU A 204 10.46 2.92 23.39
C GLU A 204 10.74 3.71 22.12
N TYR A 205 10.00 4.80 21.94
CA TYR A 205 10.13 5.66 20.77
C TYR A 205 10.39 7.09 21.20
N LEU A 206 11.19 7.79 20.41
CA LEU A 206 11.48 9.20 20.64
C LEU A 206 11.31 9.97 19.34
N PHE A 207 10.43 10.97 19.36
CA PHE A 207 10.38 11.92 18.26
C PHE A 207 11.61 12.82 18.30
N GLU A 208 12.22 13.04 17.14
CA GLU A 208 13.47 13.79 17.02
C GLU A 208 13.19 15.16 16.46
N VAL A 209 13.57 16.20 17.20
CA VAL A 209 13.50 17.57 16.71
C VAL A 209 14.88 18.08 16.26
N ASP A 210 15.97 17.62 16.87
CA ASP A 210 17.30 17.69 16.27
C ASP A 210 18.11 16.51 16.81
N ASN A 211 19.41 16.51 16.51
CA ASN A 211 20.25 15.39 16.90
C ASN A 211 20.47 15.27 18.41
N LEU A 212 20.09 16.28 19.19
CA LEU A 212 20.26 16.23 20.64
C LEU A 212 19.00 16.52 21.43
N THR A 213 17.85 16.69 20.78
CA THR A 213 16.62 17.06 21.46
C THR A 213 15.50 16.13 21.00
N TYR A 214 14.89 15.43 21.95
CA TYR A 214 13.89 14.41 21.65
C TYR A 214 12.67 14.61 22.53
N VAL A 215 11.55 14.03 22.10
CA VAL A 215 10.29 14.07 22.82
C VAL A 215 9.77 12.64 22.96
N GLN A 216 9.40 12.26 24.18
CA GLN A 216 8.82 10.94 24.39
C GLN A 216 7.55 10.79 23.56
N LEU A 217 7.46 9.69 22.83
CA LEU A 217 6.39 9.51 21.85
C LEU A 217 5.21 8.76 22.46
N GLU A 218 4.01 9.24 22.16
CA GLU A 218 2.77 8.59 22.54
C GLU A 218 1.97 8.24 21.29
N SER A 219 1.17 7.18 21.39
CA SER A 219 0.29 6.81 20.28
C SER A 219 -0.63 7.96 19.90
N ARG A 220 -1.00 8.79 20.87
CA ARG A 220 -1.96 9.87 20.67
C ARG A 220 -1.44 10.97 19.76
N PHE A 221 -0.12 11.08 19.59
CA PHE A 221 0.45 12.19 18.82
C PHE A 221 0.20 11.98 17.33
N THR A 222 -0.49 12.92 16.71
CA THR A 222 -0.73 12.89 15.28
C THR A 222 0.47 13.48 14.54
N PRO A 223 0.56 13.26 13.22
CA PRO A 223 1.64 13.90 12.45
C PRO A 223 1.65 15.42 12.58
N GLN A 224 0.49 16.08 12.46
CA GLN A 224 0.45 17.53 12.54
C GLN A 224 0.84 18.02 13.92
N PHE A 225 0.46 17.29 14.97
CA PHE A 225 0.87 17.66 16.32
C PHE A 225 2.38 17.59 16.47
N LEU A 226 3.02 16.58 15.86
CA LEU A 226 4.46 16.47 15.94
C LEU A 226 5.16 17.62 15.23
N LEU A 227 4.64 18.04 14.06
CA LEU A 227 5.25 19.15 13.35
C LEU A 227 5.04 20.47 14.08
N GLN A 228 3.88 20.63 14.72
CA GLN A 228 3.63 21.85 15.50
C GLN A 228 4.51 21.90 16.74
N LEU A 229 4.60 20.78 17.46
CA LEU A 229 5.45 20.72 18.64
C LEU A 229 6.92 20.95 18.29
N ASN A 230 7.36 20.43 17.15
CA ASN A 230 8.73 20.66 16.70
C ASN A 230 9.00 22.15 16.52
N GLU A 231 8.07 22.86 15.89
CA GLU A 231 8.29 24.28 15.59
C GLU A 231 8.32 25.12 16.88
N THR A 232 7.42 24.83 17.82
CA THR A 232 7.42 25.59 19.07
C THR A 232 8.72 25.38 19.84
N ILE A 233 9.23 24.14 19.85
CA ILE A 233 10.51 23.87 20.52
C ILE A 233 11.61 24.70 19.88
N TYR A 234 11.58 24.85 18.55
CA TYR A 234 12.58 25.67 17.87
C TYR A 234 12.37 27.15 18.15
N THR A 235 11.11 27.60 18.22
CA THR A 235 10.82 29.00 18.44
C THR A 235 10.79 29.39 19.92
N SER A 236 10.64 28.43 20.82
CA SER A 236 10.72 28.68 22.25
C SER A 236 12.13 28.45 22.80
N GLY A 237 13.10 28.17 21.93
CA GLY A 237 14.47 27.94 22.34
C GLY A 237 14.65 26.74 23.23
N LYS A 238 13.65 25.87 23.29
CA LYS A 238 13.68 24.71 24.16
C LYS A 238 14.58 23.58 23.64
N ARG A 239 15.39 23.85 22.62
CA ARG A 239 16.35 22.88 22.16
C ARG A 239 17.51 22.76 23.17
N SER A 240 18.16 21.61 23.16
CA SER A 240 19.35 21.42 23.97
C SER A 240 20.43 22.40 23.58
N ASN A 241 20.82 23.28 24.51
CA ASN A 241 22.00 24.11 24.33
C ASN A 241 23.20 23.57 25.09
N THR A 242 23.25 22.26 25.28
CA THR A 242 24.45 21.59 25.80
C THR A 242 24.96 20.62 24.75
N THR A 243 25.79 19.66 25.15
CA THR A 243 26.29 18.64 24.25
C THR A 243 25.64 17.28 24.49
N GLY A 244 24.73 17.18 25.47
CA GLY A 244 24.04 15.95 25.76
C GLY A 244 22.61 15.95 25.23
N LYS A 245 21.98 14.78 25.32
CA LYS A 245 20.65 14.59 24.78
C LYS A 245 19.59 15.09 25.74
N LEU A 246 18.64 15.88 25.23
CA LEU A 246 17.56 16.45 26.01
C LEU A 246 16.26 15.77 25.60
N ILE A 247 15.54 15.22 26.58
CA ILE A 247 14.34 14.44 26.34
C ILE A 247 13.18 15.13 27.05
N TRP A 248 12.17 15.53 26.29
CA TRP A 248 10.95 16.14 26.83
C TRP A 248 9.84 15.11 26.95
N LYS A 249 9.09 15.20 28.03
CA LYS A 249 7.76 14.60 28.12
C LYS A 249 6.74 15.73 28.05
N VAL A 250 5.52 15.38 27.65
CA VAL A 250 4.48 16.39 27.46
C VAL A 250 3.19 15.94 28.13
N ASN A 251 2.41 16.92 28.56
CA ASN A 251 1.12 16.70 29.18
C ASN A 251 0.08 16.31 28.12
N PRO A 252 -1.09 15.83 28.53
CA PRO A 252 -2.10 15.41 27.54
C PRO A 252 -2.38 16.42 26.43
N GLU A 253 -2.52 17.70 26.76
CA GLU A 253 -2.86 18.75 25.80
C GLU A 253 -4.17 18.42 25.07
N TRP A 261 -11.59 9.73 15.26
CA TRP A 261 -11.81 10.26 13.93
C TRP A 261 -10.61 10.04 13.01
N ALA A 262 -10.87 9.62 11.78
CA ALA A 262 -9.84 9.28 10.82
C ALA A 262 -9.29 10.55 10.15
N PHE A 263 -8.14 10.39 9.48
CA PHE A 263 -7.41 11.56 8.99
C PHE A 263 -8.18 12.31 7.91
N TRP A 264 -9.02 11.63 7.15
CA TRP A 264 -9.75 12.26 6.05
C TRP A 264 -11.05 12.91 6.49
N GLU A 265 -11.44 12.76 7.76
CA GLU A 265 -12.70 13.32 8.24
C GLU A 265 -12.48 14.25 9.43
N UNK A 324 22.33 13.34 30.11
CA UNK A 324 21.03 12.70 30.22
C UNK A 324 20.07 13.56 31.03
N UNK A 325 19.25 14.33 30.34
CA UNK A 325 18.31 15.24 31.00
C UNK A 325 16.89 15.06 30.48
N UNK A 326 15.98 14.71 31.40
CA UNK A 326 14.55 14.62 31.07
C UNK A 326 13.84 15.88 31.56
N UNK A 327 12.58 16.04 31.16
CA UNK A 327 11.81 17.23 31.55
C UNK A 327 10.33 17.08 31.21
N UNK A 328 9.58 18.18 31.33
CA UNK A 328 8.15 18.17 31.06
C UNK A 328 7.71 19.46 30.37
N UNK A 329 6.49 19.44 29.83
CA UNK A 329 5.94 20.60 29.14
C UNK A 329 4.41 20.54 29.14
N UNK A 330 3.79 21.60 29.67
CA UNK A 330 2.34 21.66 29.76
C UNK A 330 1.82 23.03 29.37
N GLU B 1 -19.62 -13.99 -5.52
CA GLU B 1 -20.41 -13.55 -4.37
C GLU B 1 -20.68 -12.05 -4.45
N ALA B 2 -21.19 -11.50 -3.35
CA ALA B 2 -21.32 -10.07 -3.17
C ALA B 2 -20.26 -9.56 -2.20
N ILE B 3 -19.92 -8.29 -2.32
CA ILE B 3 -18.91 -7.67 -1.47
C ILE B 3 -19.60 -6.77 -0.45
N VAL B 4 -19.45 -7.11 0.82
CA VAL B 4 -20.00 -6.33 1.92
C VAL B 4 -18.83 -5.72 2.67
N ASN B 5 -18.71 -4.39 2.62
CA ASN B 5 -17.64 -3.71 3.34
C ASN B 5 -17.80 -3.93 4.83
N ALA B 6 -16.92 -4.74 5.42
CA ALA B 6 -16.95 -5.05 6.84
C ALA B 6 -15.75 -4.44 7.57
N GLN B 7 -15.28 -3.26 7.12
CA GLN B 7 -14.12 -2.62 7.72
C GLN B 7 -14.55 -1.59 8.75
N PRO B 8 -13.69 -1.34 9.76
CA PRO B 8 -14.04 -0.34 10.78
C PRO B 8 -14.41 1.01 10.22
N LYS B 9 -13.73 1.47 9.18
CA LYS B 9 -14.05 2.72 8.51
C LYS B 9 -13.83 2.55 7.01
N CYS B 10 -14.27 3.56 6.25
CA CYS B 10 -14.04 3.59 4.81
C CYS B 10 -13.80 5.02 4.38
N ASN B 11 -12.62 5.28 3.84
CA ASN B 11 -12.40 6.55 3.15
C ASN B 11 -13.18 6.52 1.85
N PRO B 12 -14.31 7.24 1.74
CA PRO B 12 -15.14 7.11 0.54
C PRO B 12 -14.53 7.75 -0.69
N ASN B 13 -13.55 8.62 -0.52
CA ASN B 13 -12.87 9.26 -1.64
C ASN B 13 -11.55 8.55 -1.91
N LEU B 14 -11.12 8.59 -3.17
CA LEU B 14 -9.95 7.85 -3.62
C LEU B 14 -9.08 8.78 -4.45
N HIS B 15 -8.07 9.36 -3.79
CA HIS B 15 -7.02 10.11 -4.48
C HIS B 15 -5.98 9.11 -4.95
N TYR B 16 -5.86 8.93 -6.26
CA TYR B 16 -5.07 7.84 -6.80
C TYR B 16 -3.92 8.35 -7.67
N TRP B 17 -2.87 7.52 -7.76
CA TRP B 17 -1.77 7.73 -8.68
C TRP B 17 -1.63 6.50 -9.57
N THR B 18 -1.15 6.72 -10.78
CA THR B 18 -0.95 5.64 -11.75
C THR B 18 -0.07 6.20 -12.88
N THR B 19 0.08 5.43 -13.95
CA THR B 19 0.81 5.86 -15.13
C THR B 19 -0.15 5.97 -16.30
N GLN B 20 0.20 6.83 -17.25
CA GLN B 20 -0.69 7.10 -18.38
C GLN B 20 -0.59 5.98 -19.42
N ASP B 21 -1.66 5.84 -20.21
CA ASP B 21 -1.72 4.86 -21.28
C ASP B 21 -1.24 5.53 -22.57
N GLU B 22 0.00 5.23 -22.96
CA GLU B 22 0.67 5.89 -24.08
C GLU B 22 0.60 7.41 -23.94
N GLY B 23 -0.16 8.06 -24.81
CA GLY B 23 -0.25 9.51 -24.80
C GLY B 23 0.95 10.16 -25.44
N ALA B 24 0.74 10.81 -26.58
CA ALA B 24 1.82 11.49 -27.27
C ALA B 24 2.46 12.54 -26.37
N ALA B 25 3.74 12.35 -26.07
CA ALA B 25 4.46 13.30 -25.25
C ALA B 25 4.71 14.60 -26.02
N ILE B 26 4.75 15.71 -25.29
CA ILE B 26 5.01 17.00 -25.91
C ILE B 26 6.45 17.00 -26.43
N GLY B 27 6.60 16.77 -27.72
CA GLY B 27 7.91 16.72 -28.34
C GLY B 27 8.71 15.49 -27.98
N LEU B 28 9.81 15.69 -27.25
CA LEU B 28 10.78 14.62 -26.99
C LEU B 28 10.68 14.07 -25.57
N ALA B 29 9.56 14.27 -24.89
CA ALA B 29 9.44 13.78 -23.52
C ALA B 29 9.39 12.25 -23.44
N TRP B 30 9.26 11.56 -24.58
CA TRP B 30 9.23 10.10 -24.56
C TRP B 30 10.64 9.52 -24.52
N ILE B 31 11.63 10.25 -25.01
CA ILE B 31 13.02 9.78 -24.95
C ILE B 31 13.44 9.64 -23.49
N PRO B 32 13.93 8.48 -23.05
CA PRO B 32 14.34 8.36 -21.64
C PRO B 32 15.41 9.36 -21.22
N TYR B 33 16.32 9.72 -22.13
CA TYR B 33 17.37 10.67 -21.80
C TYR B 33 16.78 12.04 -21.44
N PHE B 34 15.71 12.45 -22.13
CA PHE B 34 15.09 13.74 -21.89
C PHE B 34 13.89 13.66 -20.97
N GLY B 35 13.27 12.48 -20.82
CA GLY B 35 12.00 12.37 -20.16
C GLY B 35 12.09 12.63 -18.66
N PRO B 36 10.96 12.47 -17.98
CA PRO B 36 10.93 12.69 -16.53
C PRO B 36 11.66 11.59 -15.77
N ALA B 37 12.08 11.94 -14.57
CA ALA B 37 12.71 10.97 -13.67
C ALA B 37 11.65 10.01 -13.12
N ALA B 38 12.12 9.03 -12.34
CA ALA B 38 11.21 8.03 -11.77
C ALA B 38 10.09 8.67 -10.94
N GLU B 39 10.37 9.81 -10.30
CA GLU B 39 9.42 10.47 -9.44
C GLU B 39 8.33 11.22 -10.19
N GLY B 40 8.49 11.46 -11.50
CA GLY B 40 7.55 12.28 -12.23
C GLY B 40 6.90 11.60 -13.42
N ILE B 41 6.68 10.29 -13.34
CA ILE B 41 6.02 9.55 -14.39
C ILE B 41 4.55 9.29 -14.06
N TYR B 42 4.04 9.86 -12.97
CA TYR B 42 2.70 9.55 -12.48
C TYR B 42 1.71 10.63 -12.87
N ILE B 43 0.47 10.19 -13.09
CA ILE B 43 -0.68 11.08 -13.16
C ILE B 43 -1.48 10.90 -11.87
N GLU B 44 -2.47 11.77 -11.68
CA GLU B 44 -3.30 11.69 -10.49
C GLU B 44 -4.76 11.87 -10.88
N GLY B 45 -5.63 11.27 -10.07
CA GLY B 45 -7.06 11.43 -10.24
C GLY B 45 -7.74 11.30 -8.89
N LEU B 46 -9.00 11.72 -8.87
CA LEU B 46 -9.83 11.63 -7.68
C LEU B 46 -11.15 10.98 -8.08
N MET B 47 -11.56 9.95 -7.34
CA MET B 47 -12.82 9.27 -7.64
C MET B 47 -13.63 9.14 -6.37
N HIS B 48 -14.90 9.51 -6.45
CA HIS B 48 -15.81 9.49 -5.32
C HIS B 48 -16.59 8.18 -5.30
N ASN B 49 -17.49 8.04 -4.33
CA ASN B 49 -18.10 6.76 -4.01
C ASN B 49 -19.39 6.50 -4.79
N GLN B 50 -19.53 7.05 -6.01
CA GLN B 50 -20.68 6.73 -6.84
CA GLN B 50 -20.69 6.73 -6.82
C GLN B 50 -20.83 5.22 -6.97
N ASP B 51 -22.05 4.73 -6.78
CA ASP B 51 -22.37 3.30 -6.76
C ASP B 51 -21.62 2.56 -5.65
N GLY B 52 -21.03 3.28 -4.70
CA GLY B 52 -20.30 2.65 -3.62
C GLY B 52 -19.07 1.89 -4.05
N LEU B 53 -18.47 2.26 -5.17
CA LEU B 53 -17.37 1.46 -5.72
C LEU B 53 -16.11 1.56 -4.86
N ILE B 54 -15.86 2.72 -4.26
CA ILE B 54 -14.66 2.92 -3.47
C ILE B 54 -14.67 2.00 -2.24
N CYS B 55 -15.75 2.04 -1.46
CA CYS B 55 -15.80 1.19 -0.28
C CYS B 55 -15.84 -0.28 -0.64
N GLY B 56 -16.45 -0.64 -1.78
CA GLY B 56 -16.38 -2.01 -2.24
C GLY B 56 -14.98 -2.39 -2.67
N LEU B 57 -14.26 -1.45 -3.30
CA LEU B 57 -12.87 -1.70 -3.69
C LEU B 57 -12.00 -2.02 -2.49
N ARG B 58 -12.16 -1.28 -1.40
CA ARG B 58 -11.36 -1.54 -0.20
C ARG B 58 -11.66 -2.91 0.38
N GLN B 59 -12.93 -3.30 0.38
CA GLN B 59 -13.29 -4.63 0.85
C GLN B 59 -12.79 -5.71 -0.09
N LEU B 60 -12.78 -5.43 -1.40
CA LEU B 60 -12.33 -6.42 -2.38
C LEU B 60 -10.84 -6.69 -2.24
N ALA B 61 -10.03 -5.64 -2.08
CA ALA B 61 -8.60 -5.85 -1.88
C ALA B 61 -8.31 -6.57 -0.57
N ASN B 62 -9.11 -6.31 0.47
CA ASN B 62 -8.97 -7.02 1.73
C ASN B 62 -9.25 -8.50 1.55
N GLU B 63 -10.35 -8.84 0.85
CA GLU B 63 -10.73 -10.23 0.67
C GLU B 63 -9.88 -10.97 -0.36
N THR B 64 -9.21 -10.23 -1.27
CA THR B 64 -8.30 -10.84 -2.21
C THR B 64 -7.05 -11.39 -1.53
N THR B 65 -6.69 -10.87 -0.35
CA THR B 65 -5.35 -11.10 0.20
C THR B 65 -5.08 -12.58 0.44
N GLN B 66 -6.06 -13.32 0.96
CA GLN B 66 -5.80 -14.72 1.30
C GLN B 66 -5.43 -15.53 0.07
N ALA B 67 -6.22 -15.42 -1.00
CA ALA B 67 -5.91 -16.15 -2.22
C ALA B 67 -4.59 -15.68 -2.82
N LEU B 68 -4.35 -14.36 -2.82
CA LEU B 68 -3.12 -13.83 -3.39
C LEU B 68 -1.90 -14.36 -2.62
N GLN B 69 -1.96 -14.34 -1.29
CA GLN B 69 -0.85 -14.84 -0.49
C GLN B 69 -0.61 -16.32 -0.74
N LEU B 70 -1.67 -17.12 -0.83
CA LEU B 70 -1.50 -18.54 -1.10
C LEU B 70 -0.92 -18.79 -2.48
N PHE B 71 -1.28 -17.94 -3.46
CA PHE B 71 -0.66 -18.03 -4.78
C PHE B 71 0.83 -17.70 -4.71
N LEU B 72 1.19 -16.65 -3.97
CA LEU B 72 2.58 -16.26 -3.87
C LEU B 72 3.41 -17.29 -3.11
N ARG B 73 2.79 -18.01 -2.19
CA ARG B 73 3.50 -19.07 -1.48
C ARG B 73 3.86 -20.22 -2.42
N ALA B 74 2.98 -20.55 -3.35
CA ALA B 74 3.16 -21.71 -4.22
C ALA B 74 4.04 -21.43 -5.43
N THR B 75 4.27 -20.17 -5.79
CA THR B 75 5.12 -19.85 -6.93
C THR B 75 6.57 -19.70 -6.49
N THR B 76 7.48 -20.02 -7.40
CA THR B 76 8.91 -19.81 -7.20
C THR B 76 9.40 -18.54 -7.86
N GLU B 77 8.53 -17.82 -8.56
CA GLU B 77 8.90 -16.55 -9.16
C GLU B 77 9.12 -15.51 -8.06
N LEU B 78 10.27 -14.84 -8.09
CA LEU B 78 10.56 -13.81 -7.10
C LEU B 78 9.64 -12.61 -7.25
N ARG B 79 9.28 -12.26 -8.50
CA ARG B 79 8.37 -11.16 -8.77
C ARG B 79 7.36 -11.62 -9.81
N THR B 80 6.07 -11.49 -9.49
CA THR B 80 5.01 -11.99 -10.34
C THR B 80 4.36 -10.83 -11.09
N PHE B 81 4.43 -10.87 -12.42
CA PHE B 81 3.82 -9.87 -13.29
C PHE B 81 2.72 -10.45 -14.18
N SER B 82 2.34 -11.72 -13.98
CA SER B 82 1.56 -12.44 -14.97
C SER B 82 0.14 -12.75 -14.52
N ILE B 83 -0.32 -12.20 -13.39
CA ILE B 83 -1.65 -12.53 -12.90
C ILE B 83 -2.73 -12.07 -13.87
N LEU B 84 -2.59 -10.85 -14.40
CA LEU B 84 -3.64 -10.30 -15.25
C LEU B 84 -3.67 -10.96 -16.62
N ASN B 85 -2.51 -11.22 -17.22
CA ASN B 85 -2.49 -11.95 -18.48
C ASN B 85 -3.10 -13.34 -18.30
N ARG B 86 -2.79 -14.01 -17.19
CA ARG B 86 -3.34 -15.34 -16.95
C ARG B 86 -4.84 -15.29 -16.72
N LYS B 87 -5.34 -14.19 -16.14
CA LYS B 87 -6.80 -14.05 -16.00
C LYS B 87 -7.45 -13.81 -17.35
N ALA B 88 -6.79 -13.06 -18.22
CA ALA B 88 -7.29 -12.90 -19.59
C ALA B 88 -7.35 -14.24 -20.31
N ILE B 89 -6.30 -15.07 -20.18
CA ILE B 89 -6.32 -16.38 -20.81
C ILE B 89 -7.43 -17.24 -20.23
N ASP B 90 -7.62 -17.19 -18.91
CA ASP B 90 -8.71 -17.94 -18.28
C ASP B 90 -10.06 -17.48 -18.78
N PHE B 91 -10.22 -16.17 -18.99
CA PHE B 91 -11.45 -15.64 -19.56
C PHE B 91 -11.76 -16.29 -20.90
N LEU B 92 -10.76 -16.38 -21.77
CA LEU B 92 -10.97 -16.96 -23.09
C LEU B 92 -11.15 -18.47 -23.03
N LEU B 93 -10.46 -19.15 -22.11
CA LEU B 93 -10.60 -20.60 -22.01
C LEU B 93 -11.96 -21.00 -21.47
N GLN B 94 -12.55 -20.18 -20.58
CA GLN B 94 -13.86 -20.49 -20.05
C GLN B 94 -14.92 -20.51 -21.15
N ARG B 95 -14.82 -19.59 -22.10
CA ARG B 95 -15.81 -19.47 -23.15
C ARG B 95 -15.45 -20.28 -24.40
N TRP B 96 -14.16 -20.36 -24.74
CA TRP B 96 -13.74 -20.91 -26.03
C TRP B 96 -12.80 -22.10 -25.87
N GLY B 97 -12.70 -22.67 -24.67
CA GLY B 97 -11.82 -23.78 -24.42
C GLY B 97 -12.30 -25.13 -24.89
N GLY B 98 -13.53 -25.21 -25.38
CA GLY B 98 -14.07 -26.42 -25.96
C GLY B 98 -14.99 -26.09 -27.11
N THR B 99 -15.68 -27.08 -27.66
CA THR B 99 -16.62 -26.81 -28.74
C THR B 99 -17.78 -25.95 -28.23
N CYS B 100 -18.22 -25.03 -29.08
CA CYS B 100 -19.25 -24.06 -28.72
C CYS B 100 -20.59 -24.58 -29.24
N HIS B 101 -21.40 -25.13 -28.34
CA HIS B 101 -22.74 -25.61 -28.68
C HIS B 101 -23.69 -24.43 -28.72
N ILE B 102 -24.13 -24.06 -29.92
CA ILE B 102 -25.01 -22.90 -30.06
C ILE B 102 -26.31 -23.13 -29.28
N LEU B 103 -26.85 -22.05 -28.71
CA LEU B 103 -28.04 -22.04 -27.87
C LEU B 103 -27.77 -22.70 -26.52
N GLY B 104 -26.59 -23.26 -26.34
CA GLY B 104 -26.18 -23.79 -25.07
C GLY B 104 -25.85 -22.67 -24.09
N PRO B 105 -25.78 -22.99 -22.79
CA PRO B 105 -25.53 -21.95 -21.79
C PRO B 105 -24.07 -21.59 -21.61
N ASP B 106 -23.14 -22.41 -22.08
CA ASP B 106 -21.71 -22.13 -21.96
C ASP B 106 -21.08 -21.75 -23.30
N CYS B 107 -21.90 -21.33 -24.27
CA CYS B 107 -21.42 -20.91 -25.57
C CYS B 107 -21.98 -19.53 -25.86
N CYS B 108 -21.10 -18.55 -26.03
CA CYS B 108 -21.50 -17.16 -26.23
C CYS B 108 -21.56 -16.79 -27.71
N ILE B 109 -22.31 -17.57 -28.49
CA ILE B 109 -22.61 -17.24 -29.88
C ILE B 109 -24.10 -16.91 -29.95
N GLU B 110 -24.43 -15.72 -30.42
CA GLU B 110 -25.82 -15.34 -30.60
C GLU B 110 -26.15 -15.24 -32.08
N PRO B 111 -26.87 -16.21 -32.66
CA PRO B 111 -27.29 -16.08 -34.06
C PRO B 111 -28.63 -15.38 -34.19
N ALA B 112 -28.89 -14.36 -33.36
CA ALA B 112 -30.18 -13.70 -33.36
C ALA B 112 -30.49 -13.11 -34.74
N ASP B 113 -29.59 -12.27 -35.26
CA ASP B 113 -29.77 -11.74 -36.60
C ASP B 113 -29.37 -12.75 -37.67
N TRP B 114 -28.71 -13.84 -37.31
CA TRP B 114 -28.59 -14.98 -38.21
C TRP B 114 -29.83 -15.85 -38.20
N THR B 115 -30.65 -15.75 -37.15
CA THR B 115 -31.93 -16.47 -37.12
C THR B 115 -32.97 -15.79 -38.00
N LYS B 116 -32.93 -14.45 -38.10
CA LYS B 116 -33.79 -13.72 -39.02
C LYS B 116 -33.15 -13.68 -40.41
N ASN B 117 -33.01 -14.87 -40.98
CA ASN B 117 -32.33 -15.03 -42.27
C ASN B 117 -32.81 -16.28 -42.99
#